data_6BX9
#
_entry.id   6BX9
#
_entity_poly.entity_id   1
_entity_poly.type   'polypeptide(L)'
_entity_poly.pdbx_seq_one_letter_code
;CCTALCSRYHCLPCC
;
_entity_poly.pdbx_strand_id   A
#
# COMPACT_ATOMS: atom_id res chain seq x y z
N CYS A 1 1.64 -4.56 -2.06
CA CYS A 1 1.49 -3.85 -0.75
C CYS A 1 0.70 -4.75 0.20
N CYS A 2 0.16 -4.16 1.27
CA CYS A 2 -0.61 -4.92 2.26
C CYS A 2 -1.97 -5.32 1.72
N THR A 3 -2.80 -4.33 1.38
CA THR A 3 -4.15 -4.60 0.90
C THR A 3 -4.40 -4.04 -0.50
N ALA A 4 -4.62 -2.74 -0.55
CA ALA A 4 -4.89 -2.05 -1.80
C ALA A 4 -4.38 -0.62 -1.72
N LEU A 5 -4.65 0.01 -0.59
CA LEU A 5 -4.20 1.38 -0.36
C LEU A 5 -2.76 1.56 -0.81
N CYS A 6 -2.57 2.03 -2.03
CA CYS A 6 -1.22 2.24 -2.56
C CYS A 6 -0.61 3.48 -1.94
N SER A 7 -1.05 3.82 -0.73
CA SER A 7 -0.55 5.00 -0.04
C SER A 7 0.66 4.64 0.83
N ARG A 8 1.39 5.66 1.26
CA ARG A 8 2.55 5.45 2.10
C ARG A 8 2.13 5.05 3.51
N TYR A 9 0.97 4.41 3.59
CA TYR A 9 0.43 3.98 4.88
C TYR A 9 0.32 2.46 4.92
N HIS A 10 0.29 1.84 3.74
CA HIS A 10 0.18 0.39 3.67
C HIS A 10 1.37 -0.20 2.91
N CYS A 11 2.29 -0.82 3.66
CA CYS A 11 3.47 -1.43 3.06
C CYS A 11 4.38 -0.39 2.39
N LEU A 12 3.80 0.36 1.44
CA LEU A 12 4.54 1.42 0.72
C LEU A 12 4.28 1.32 -0.79
N PRO A 13 4.29 0.14 -1.37
CA PRO A 13 4.05 -0.02 -2.83
C PRO A 13 2.58 0.19 -3.17
N CYS A 14 2.15 -0.35 -4.32
CA CYS A 14 0.76 -0.22 -4.73
C CYS A 14 0.10 -1.60 -4.81
N CYS A 15 -1.13 -1.68 -4.31
CA CYS A 15 -1.84 -2.96 -4.33
C CYS A 15 -3.22 -2.81 -4.96
N CYS A 1 2.36 -4.40 -1.76
CA CYS A 1 1.46 -3.66 -0.82
C CYS A 1 0.85 -4.66 0.15
N CYS A 2 0.14 -4.16 1.17
CA CYS A 2 -0.45 -5.04 2.16
C CYS A 2 -1.94 -5.26 1.88
N THR A 3 -2.57 -4.28 1.24
CA THR A 3 -3.99 -4.38 0.91
C THR A 3 -4.27 -3.84 -0.48
N ALA A 4 -4.71 -2.59 -0.53
CA ALA A 4 -5.02 -1.94 -1.78
C ALA A 4 -4.58 -0.49 -1.72
N LEU A 5 -5.02 0.19 -0.67
CA LEU A 5 -4.66 1.60 -0.49
C LEU A 5 -3.25 1.86 -0.99
N CYS A 6 -3.14 2.28 -2.24
CA CYS A 6 -1.83 2.54 -2.82
C CYS A 6 -1.19 3.74 -2.11
N SER A 7 -1.45 3.84 -0.83
CA SER A 7 -0.91 4.95 -0.03
C SER A 7 0.41 4.53 0.62
N ARG A 8 1.19 5.54 1.03
CA ARG A 8 2.46 5.27 1.68
C ARG A 8 2.19 4.69 3.07
N TYR A 9 0.96 4.24 3.27
CA TYR A 9 0.56 3.65 4.54
C TYR A 9 0.75 2.15 4.57
N HIS A 10 0.32 1.50 3.50
CA HIS A 10 0.40 0.05 3.42
C HIS A 10 1.76 -0.44 2.93
N CYS A 11 2.64 -0.77 3.88
CA CYS A 11 3.97 -1.29 3.59
C CYS A 11 4.81 -0.35 2.72
N LEU A 12 4.14 0.43 1.84
CA LEU A 12 4.82 1.39 0.95
C LEU A 12 4.50 1.11 -0.52
N PRO A 13 4.42 -0.13 -0.92
CA PRO A 13 4.14 -0.50 -2.34
C PRO A 13 2.92 0.23 -2.91
N CYS A 14 2.15 -0.47 -3.74
CA CYS A 14 0.96 0.11 -4.36
C CYS A 14 0.04 -0.96 -4.93
N CYS A 15 -1.15 -1.11 -4.34
CA CYS A 15 -2.10 -2.11 -4.82
C CYS A 15 -3.43 -1.45 -5.20
N CYS A 1 0.81 -4.69 -2.23
CA CYS A 1 1.54 -3.76 -1.34
C CYS A 1 1.29 -4.14 0.11
N CYS A 2 0.02 -4.21 0.48
CA CYS A 2 -0.36 -4.56 1.85
C CYS A 2 -1.80 -5.04 1.87
N THR A 3 -2.65 -4.29 1.18
CA THR A 3 -4.07 -4.60 1.09
C THR A 3 -4.61 -4.14 -0.26
N ALA A 4 -4.75 -2.84 -0.38
CA ALA A 4 -5.24 -2.22 -1.58
C ALA A 4 -4.68 -0.80 -1.66
N LEU A 5 -5.03 -0.01 -0.65
CA LEU A 5 -4.56 1.37 -0.56
C LEU A 5 -3.13 1.50 -1.06
N CYS A 6 -2.97 2.12 -2.23
CA CYS A 6 -1.64 2.31 -2.78
C CYS A 6 -1.00 3.56 -2.19
N SER A 7 -1.17 3.72 -0.89
CA SER A 7 -0.62 4.89 -0.19
C SER A 7 0.78 4.62 0.33
N ARG A 8 1.22 5.49 1.22
CA ARG A 8 2.56 5.37 1.81
C ARG A 8 2.49 4.74 3.20
N TYR A 9 1.27 4.39 3.64
CA TYR A 9 1.12 3.78 4.95
C TYR A 9 0.88 2.28 4.82
N HIS A 10 0.39 1.85 3.66
CA HIS A 10 0.13 0.43 3.45
C HIS A 10 1.37 -0.25 2.87
N CYS A 11 2.21 -0.78 3.75
CA CYS A 11 3.43 -1.47 3.33
C CYS A 11 4.41 -0.50 2.67
N LEU A 12 3.87 0.38 1.81
CA LEU A 12 4.67 1.39 1.10
C LEU A 12 4.44 1.31 -0.42
N PRO A 13 4.35 0.13 -0.98
CA PRO A 13 4.13 -0.03 -2.45
C PRO A 13 2.69 0.27 -2.86
N CYS A 14 2.34 -0.10 -4.10
CA CYS A 14 1.00 0.14 -4.61
C CYS A 14 0.24 -1.18 -4.73
N CYS A 15 -0.86 -1.31 -3.98
CA CYS A 15 -1.63 -2.54 -4.01
C CYS A 15 -2.94 -2.34 -4.79
N CYS A 1 1.74 -4.51 -2.01
CA CYS A 1 1.51 -3.79 -0.73
C CYS A 1 0.89 -4.74 0.29
N CYS A 2 0.13 -4.20 1.23
CA CYS A 2 -0.52 -5.02 2.24
C CYS A 2 -1.94 -5.36 1.81
N THR A 3 -2.61 -4.41 1.17
CA THR A 3 -3.98 -4.62 0.72
C THR A 3 -4.22 -4.02 -0.66
N ALA A 4 -4.70 -2.78 -0.66
CA ALA A 4 -4.98 -2.07 -1.89
C ALA A 4 -4.39 -0.66 -1.79
N LEU A 5 -4.76 0.01 -0.71
CA LEU A 5 -4.28 1.38 -0.46
C LEU A 5 -2.82 1.54 -0.83
N CYS A 6 -2.56 2.27 -1.91
CA CYS A 6 -1.20 2.51 -2.35
C CYS A 6 -0.65 3.77 -1.70
N SER A 7 -1.11 4.02 -0.48
CA SER A 7 -0.68 5.20 0.27
C SER A 7 0.54 4.88 1.12
N ARG A 8 1.27 5.93 1.50
CA ARG A 8 2.45 5.75 2.34
C ARG A 8 2.00 5.34 3.73
N TYR A 9 1.02 4.44 3.78
CA TYR A 9 0.49 3.96 5.05
C TYR A 9 0.39 2.44 5.05
N HIS A 10 0.16 1.86 3.87
CA HIS A 10 0.07 0.41 3.76
C HIS A 10 1.22 -0.14 2.93
N CYS A 11 2.34 -0.41 3.59
CA CYS A 11 3.51 -0.95 2.93
C CYS A 11 4.12 0.07 1.95
N LEU A 12 3.38 0.38 0.87
CA LEU A 12 3.82 1.36 -0.14
C LEU A 12 3.95 0.76 -1.55
N PRO A 13 4.46 -0.44 -1.68
CA PRO A 13 4.62 -1.10 -3.01
C PRO A 13 3.38 -0.93 -3.88
N CYS A 14 2.33 -0.42 -3.27
CA CYS A 14 1.06 -0.20 -3.98
C CYS A 14 0.45 -1.53 -4.40
N CYS A 15 -0.88 -1.62 -4.33
CA CYS A 15 -1.56 -2.85 -4.70
C CYS A 15 -2.70 -2.57 -5.69
N CYS A 1 1.66 -4.97 -1.93
CA CYS A 1 1.62 -4.02 -0.79
C CYS A 1 1.14 -4.74 0.47
N CYS A 2 0.30 -4.06 1.24
CA CYS A 2 -0.25 -4.64 2.46
C CYS A 2 -1.72 -4.96 2.27
N THR A 3 -2.40 -4.08 1.52
CA THR A 3 -3.82 -4.26 1.25
C THR A 3 -4.14 -3.85 -0.18
N ALA A 4 -4.71 -2.66 -0.29
CA ALA A 4 -5.06 -2.09 -1.57
C ALA A 4 -4.55 -0.66 -1.65
N LEU A 5 -4.95 0.12 -0.65
CA LEU A 5 -4.55 1.53 -0.54
C LEU A 5 -3.16 1.75 -1.10
N CYS A 6 -3.07 2.25 -2.33
CA CYS A 6 -1.77 2.51 -2.92
C CYS A 6 -1.15 3.74 -2.28
N SER A 7 -1.31 3.83 -0.96
CA SER A 7 -0.78 4.97 -0.22
C SER A 7 0.63 4.68 0.31
N ARG A 8 1.05 5.51 1.26
CA ARG A 8 2.35 5.37 1.88
C ARG A 8 2.15 4.80 3.28
N TYR A 9 1.00 4.18 3.47
CA TYR A 9 0.64 3.59 4.76
C TYR A 9 0.49 2.08 4.65
N HIS A 10 0.31 1.58 3.42
CA HIS A 10 0.14 0.14 3.22
C HIS A 10 1.40 -0.51 2.66
N CYS A 11 2.19 -1.13 3.55
CA CYS A 11 3.42 -1.81 3.14
C CYS A 11 4.44 -0.83 2.58
N LEU A 12 3.99 0.08 1.73
CA LEU A 12 4.86 1.09 1.10
C LEU A 12 4.64 1.13 -0.42
N PRO A 13 4.47 0.01 -1.07
CA PRO A 13 4.25 -0.04 -2.55
C PRO A 13 2.83 0.41 -2.92
N CYS A 14 2.34 -0.09 -4.05
CA CYS A 14 1.00 0.28 -4.50
C CYS A 14 0.23 -0.95 -4.98
N CYS A 15 -0.98 -1.14 -4.45
CA CYS A 15 -1.79 -2.28 -4.84
C CYS A 15 -2.84 -1.86 -5.86
N CYS A 1 2.46 -4.60 -1.71
CA CYS A 1 1.37 -3.88 -1.00
C CYS A 1 0.46 -4.91 -0.33
N CYS A 2 0.22 -4.69 0.95
CA CYS A 2 -0.59 -5.60 1.75
C CYS A 2 -1.99 -5.74 1.18
N THR A 3 -2.79 -4.68 1.29
CA THR A 3 -4.15 -4.71 0.80
C THR A 3 -4.27 -4.09 -0.59
N ALA A 4 -4.15 -2.77 -0.64
CA ALA A 4 -4.26 -2.05 -1.91
C ALA A 4 -3.81 -0.61 -1.72
N LEU A 5 -4.25 -0.02 -0.63
CA LEU A 5 -3.90 1.36 -0.32
C LEU A 5 -2.45 1.66 -0.73
N CYS A 6 -2.27 2.05 -1.99
CA CYS A 6 -0.93 2.38 -2.48
C CYS A 6 -0.46 3.67 -1.81
N SER A 7 -0.88 3.85 -0.57
CA SER A 7 -0.52 5.03 0.20
C SER A 7 0.75 4.81 1.01
N ARG A 8 1.38 5.91 1.40
CA ARG A 8 2.60 5.84 2.21
C ARG A 8 2.22 5.47 3.64
N TYR A 9 1.12 4.74 3.78
CA TYR A 9 0.63 4.33 5.09
C TYR A 9 0.60 2.81 5.19
N HIS A 10 0.16 2.16 4.12
CA HIS A 10 0.09 0.71 4.12
C HIS A 10 1.19 0.10 3.25
N CYS A 11 2.17 -0.52 3.90
CA CYS A 11 3.27 -1.15 3.18
C CYS A 11 4.05 -0.14 2.34
N LEU A 12 3.38 0.42 1.34
CA LEU A 12 3.97 1.42 0.43
C LEU A 12 3.66 1.10 -1.03
N PRO A 13 4.03 -0.07 -1.52
CA PRO A 13 3.73 -0.49 -2.93
C PRO A 13 2.31 -0.12 -3.39
N CYS A 14 1.76 -0.89 -4.32
CA CYS A 14 0.40 -0.61 -4.82
C CYS A 14 -0.33 -1.87 -5.25
N CYS A 15 -1.37 -2.24 -4.49
CA CYS A 15 -2.15 -3.44 -4.82
C CYS A 15 -3.62 -3.07 -5.03
N CYS A 1 2.02 -4.36 -2.21
CA CYS A 1 1.41 -3.60 -1.08
C CYS A 1 0.94 -4.59 -0.02
N CYS A 2 0.15 -4.11 0.93
CA CYS A 2 -0.36 -4.96 1.99
C CYS A 2 -1.84 -5.26 1.73
N THR A 3 -2.56 -4.26 1.26
CA THR A 3 -3.98 -4.41 0.98
C THR A 3 -4.30 -3.92 -0.43
N ALA A 4 -4.85 -2.71 -0.48
CA ALA A 4 -5.20 -2.10 -1.75
C ALA A 4 -4.53 -0.74 -1.85
N LEU A 5 -4.71 0.05 -0.80
CA LEU A 5 -4.14 1.40 -0.73
C LEU A 5 -2.66 1.41 -1.10
N CYS A 6 -2.34 2.17 -2.15
CA CYS A 6 -0.97 2.29 -2.60
C CYS A 6 -0.28 3.46 -1.89
N SER A 7 -0.81 3.83 -0.74
CA SER A 7 -0.27 4.96 0.02
C SER A 7 0.81 4.53 1.01
N ARG A 8 1.58 5.51 1.47
CA ARG A 8 2.64 5.24 2.43
C ARG A 8 2.02 4.92 3.79
N TYR A 9 0.85 4.32 3.75
CA TYR A 9 0.15 3.94 4.97
C TYR A 9 0.21 2.43 5.10
N HIS A 10 0.21 1.75 3.96
CA HIS A 10 0.28 0.30 3.93
C HIS A 10 1.55 -0.12 3.21
N CYS A 11 2.59 -0.40 4.01
CA CYS A 11 3.90 -0.81 3.47
C CYS A 11 4.44 0.24 2.49
N LEU A 12 3.73 0.46 1.39
CA LEU A 12 4.15 1.48 0.41
C LEU A 12 3.69 1.11 -1.01
N PRO A 13 4.13 -0.01 -1.53
CA PRO A 13 3.76 -0.44 -2.90
C PRO A 13 2.31 -0.14 -3.24
N CYS A 14 1.94 -0.49 -4.46
CA CYS A 14 0.58 -0.27 -4.93
C CYS A 14 -0.13 -1.59 -5.17
N CYS A 15 -1.45 -1.58 -5.05
CA CYS A 15 -2.24 -2.78 -5.27
C CYS A 15 -3.38 -2.51 -6.24
N CYS A 1 1.75 -4.79 -1.92
CA CYS A 1 1.51 -3.88 -0.75
C CYS A 1 0.86 -4.68 0.38
N CYS A 2 0.17 -3.98 1.27
CA CYS A 2 -0.50 -4.62 2.40
C CYS A 2 -1.87 -5.12 1.98
N THR A 3 -2.61 -4.27 1.27
CA THR A 3 -3.95 -4.62 0.82
C THR A 3 -4.23 -4.06 -0.57
N ALA A 4 -4.69 -2.82 -0.59
CA ALA A 4 -5.01 -2.13 -1.83
C ALA A 4 -4.40 -0.75 -1.79
N LEU A 5 -4.68 -0.03 -0.70
CA LEU A 5 -4.16 1.32 -0.50
C LEU A 5 -2.69 1.40 -0.92
N CYS A 6 -2.45 2.08 -2.04
CA CYS A 6 -1.08 2.24 -2.54
C CYS A 6 -0.40 3.42 -1.87
N SER A 7 -0.85 3.76 -0.67
CA SER A 7 -0.29 4.88 0.06
C SER A 7 0.84 4.43 0.98
N ARG A 8 1.65 5.40 1.42
CA ARG A 8 2.76 5.11 2.32
C ARG A 8 2.20 4.71 3.69
N TYR A 9 0.89 4.53 3.73
CA TYR A 9 0.21 4.16 4.95
C TYR A 9 -0.03 2.64 4.97
N HIS A 10 0.39 1.97 3.91
CA HIS A 10 0.23 0.52 3.84
C HIS A 10 1.32 -0.10 2.97
N CYS A 11 2.29 -0.72 3.65
CA CYS A 11 3.41 -1.37 2.96
C CYS A 11 4.28 -0.35 2.23
N LEU A 12 3.64 0.48 1.38
CA LEU A 12 4.35 1.52 0.61
C LEU A 12 4.09 1.38 -0.90
N PRO A 13 4.07 0.18 -1.43
CA PRO A 13 3.83 -0.05 -2.88
C PRO A 13 2.35 0.12 -3.24
N CYS A 14 1.98 -0.33 -4.44
CA CYS A 14 0.61 -0.24 -4.87
C CYS A 14 0.01 -1.63 -5.10
N CYS A 15 -1.23 -1.83 -4.66
CA CYS A 15 -1.87 -3.13 -4.82
C CYS A 15 -3.11 -3.01 -5.70
N CYS A 1 1.66 -4.74 -1.94
CA CYS A 1 1.47 -3.94 -0.71
C CYS A 1 0.75 -4.79 0.34
N CYS A 2 0.12 -4.15 1.31
CA CYS A 2 -0.59 -4.88 2.35
C CYS A 2 -1.98 -5.27 1.89
N THR A 3 -2.74 -4.29 1.41
CA THR A 3 -4.10 -4.55 0.95
C THR A 3 -4.33 -3.98 -0.44
N ALA A 4 -4.67 -2.70 -0.47
CA ALA A 4 -4.94 -1.99 -1.71
C ALA A 4 -4.30 -0.61 -1.67
N LEU A 5 -4.56 0.09 -0.56
CA LEU A 5 -4.03 1.44 -0.35
C LEU A 5 -2.58 1.54 -0.82
N CYS A 6 -2.40 2.03 -2.04
CA CYS A 6 -1.05 2.19 -2.59
C CYS A 6 -0.40 3.41 -1.95
N SER A 7 -0.88 3.77 -0.77
CA SER A 7 -0.37 4.93 -0.06
C SER A 7 0.76 4.54 0.88
N ARG A 8 1.49 5.54 1.36
CA ARG A 8 2.58 5.30 2.30
C ARG A 8 1.98 4.85 3.63
N TYR A 9 0.73 4.42 3.57
CA TYR A 9 0.01 3.96 4.74
C TYR A 9 0.16 2.46 4.91
N HIS A 10 0.13 1.75 3.79
CA HIS A 10 0.22 0.30 3.83
C HIS A 10 1.37 -0.23 2.96
N CYS A 11 2.36 -0.84 3.61
CA CYS A 11 3.51 -1.41 2.92
C CYS A 11 4.36 -0.33 2.24
N LEU A 12 3.73 0.46 1.36
CA LEU A 12 4.41 1.55 0.63
C LEU A 12 4.15 1.45 -0.88
N PRO A 13 4.20 0.27 -1.45
CA PRO A 13 3.97 0.09 -2.92
C PRO A 13 2.49 0.22 -3.27
N CYS A 14 2.09 -0.36 -4.40
CA CYS A 14 0.70 -0.29 -4.82
C CYS A 14 0.10 -1.68 -4.95
N CYS A 15 -1.16 -1.84 -4.55
CA CYS A 15 -1.82 -3.12 -4.64
C CYS A 15 -3.08 -3.03 -5.49
N CYS A 1 2.86 -4.71 -1.53
CA CYS A 1 1.98 -3.77 -0.78
C CYS A 1 1.22 -4.53 0.30
N CYS A 2 0.48 -3.80 1.13
CA CYS A 2 -0.30 -4.42 2.19
C CYS A 2 -1.60 -5.00 1.65
N THR A 3 -2.60 -4.13 1.48
CA THR A 3 -3.90 -4.54 0.97
C THR A 3 -4.08 -4.09 -0.46
N ALA A 4 -4.31 -2.80 -0.62
CA ALA A 4 -4.52 -2.21 -1.93
C ALA A 4 -4.17 -0.74 -1.89
N LEU A 5 -4.54 -0.09 -0.79
CA LEU A 5 -4.26 1.32 -0.62
C LEU A 5 -2.81 1.62 -1.02
N CYS A 6 -2.63 2.08 -2.26
CA CYS A 6 -1.29 2.40 -2.75
C CYS A 6 -0.77 3.63 -2.02
N SER A 7 -0.99 3.66 -0.72
CA SER A 7 -0.56 4.80 0.10
C SER A 7 0.84 4.58 0.64
N ARG A 8 1.28 5.50 1.49
CA ARG A 8 2.60 5.41 2.09
C ARG A 8 2.49 4.96 3.54
N TYR A 9 1.38 4.34 3.88
CA TYR A 9 1.17 3.85 5.23
C TYR A 9 0.86 2.36 5.20
N HIS A 10 0.20 1.92 4.15
CA HIS A 10 -0.11 0.50 3.99
C HIS A 10 1.03 -0.15 3.22
N CYS A 11 2.02 -0.65 3.95
CA CYS A 11 3.19 -1.26 3.34
C CYS A 11 3.96 -0.20 2.55
N LEU A 12 3.38 0.23 1.44
CA LEU A 12 3.96 1.28 0.60
C LEU A 12 3.64 1.04 -0.89
N PRO A 13 4.03 -0.07 -1.45
CA PRO A 13 3.76 -0.35 -2.89
C PRO A 13 2.32 -0.04 -3.25
N CYS A 14 1.97 -0.35 -4.49
CA CYS A 14 0.62 -0.12 -4.97
C CYS A 14 -0.06 -1.45 -5.31
N CYS A 15 -1.11 -1.78 -4.56
CA CYS A 15 -1.83 -3.03 -4.79
C CYS A 15 -3.25 -2.76 -5.27
N CYS A 1 1.71 -4.33 -2.13
CA CYS A 1 1.43 -3.73 -0.79
C CYS A 1 0.89 -4.81 0.14
N CYS A 2 0.03 -4.39 1.06
CA CYS A 2 -0.57 -5.29 2.01
C CYS A 2 -2.04 -5.53 1.65
N THR A 3 -2.67 -4.53 1.04
CA THR A 3 -4.07 -4.64 0.65
C THR A 3 -4.33 -3.98 -0.69
N ALA A 4 -4.86 -2.76 -0.62
CA ALA A 4 -5.18 -1.99 -1.80
C ALA A 4 -4.59 -0.60 -1.67
N LEU A 5 -4.94 0.06 -0.56
CA LEU A 5 -4.47 1.41 -0.29
C LEU A 5 -3.08 1.63 -0.86
N CYS A 6 -3.00 2.31 -1.99
CA CYS A 6 -1.73 2.59 -2.62
C CYS A 6 -1.08 3.81 -1.96
N SER A 7 -1.41 4.02 -0.70
CA SER A 7 -0.88 5.16 0.04
C SER A 7 0.41 4.78 0.76
N ARG A 8 1.22 5.79 1.07
CA ARG A 8 2.47 5.55 1.77
C ARG A 8 2.18 5.14 3.20
N TYR A 9 1.07 4.43 3.39
CA TYR A 9 0.67 3.96 4.71
C TYR A 9 0.66 2.44 4.76
N HIS A 10 0.25 1.82 3.66
CA HIS A 10 0.22 0.36 3.60
C HIS A 10 1.46 -0.18 2.90
N CYS A 11 2.41 -0.65 3.71
CA CYS A 11 3.66 -1.22 3.19
C CYS A 11 4.44 -0.20 2.35
N LEU A 12 3.79 0.30 1.28
CA LEU A 12 4.39 1.29 0.37
C LEU A 12 4.26 0.83 -1.08
N PRO A 13 4.84 -0.29 -1.48
CA PRO A 13 4.77 -0.80 -2.87
C PRO A 13 3.43 -0.43 -3.53
N CYS A 14 2.40 -0.25 -2.71
CA CYS A 14 1.08 0.11 -3.20
C CYS A 14 0.47 -1.02 -4.03
N CYS A 15 -0.85 -1.14 -3.96
CA CYS A 15 -1.56 -2.18 -4.68
C CYS A 15 -2.52 -1.59 -5.71
N CYS A 1 2.22 -4.55 -1.47
CA CYS A 1 1.37 -3.65 -0.62
C CYS A 1 0.85 -4.44 0.56
N CYS A 2 -0.02 -3.80 1.35
CA CYS A 2 -0.60 -4.43 2.52
C CYS A 2 -2.02 -4.89 2.20
N THR A 3 -2.69 -4.13 1.33
CA THR A 3 -4.06 -4.45 0.94
C THR A 3 -4.30 -3.98 -0.49
N ALA A 4 -4.88 -2.80 -0.60
CA ALA A 4 -5.17 -2.20 -1.89
C ALA A 4 -4.68 -0.77 -1.91
N LEU A 5 -5.03 -0.06 -0.83
CA LEU A 5 -4.64 1.35 -0.68
C LEU A 5 -3.21 1.59 -1.16
N CYS A 6 -3.08 2.31 -2.27
CA CYS A 6 -1.77 2.64 -2.80
C CYS A 6 -1.26 3.90 -2.12
N SER A 7 -1.34 3.90 -0.78
CA SER A 7 -0.92 5.04 0.00
C SER A 7 0.55 4.96 0.39
N ARG A 8 0.86 5.45 1.59
CA ARG A 8 2.23 5.43 2.08
C ARG A 8 2.32 4.55 3.33
N TYR A 9 1.15 4.10 3.79
CA TYR A 9 1.09 3.25 4.97
C TYR A 9 1.00 1.79 4.54
N HIS A 10 0.49 1.58 3.32
CA HIS A 10 0.36 0.23 2.79
C HIS A 10 1.74 -0.38 2.57
N CYS A 11 2.48 -0.54 3.65
CA CYS A 11 3.84 -1.11 3.58
C CYS A 11 4.74 -0.27 2.67
N LEU A 12 4.14 0.50 1.76
CA LEU A 12 4.87 1.38 0.83
C LEU A 12 4.54 1.07 -0.63
N PRO A 13 4.50 -0.19 -1.02
CA PRO A 13 4.21 -0.59 -2.43
C PRO A 13 3.03 0.18 -3.04
N CYS A 14 2.14 -0.57 -3.69
CA CYS A 14 0.98 0.02 -4.33
C CYS A 14 0.11 -1.05 -4.98
N CYS A 15 -1.12 -1.17 -4.52
CA CYS A 15 -2.03 -2.17 -5.07
C CYS A 15 -3.25 -1.51 -5.71
N CYS A 1 1.77 -5.04 -1.82
CA CYS A 1 1.33 -4.04 -0.81
C CYS A 1 0.53 -4.72 0.29
N CYS A 2 0.38 -4.03 1.42
CA CYS A 2 -0.36 -4.58 2.54
C CYS A 2 -1.74 -5.03 2.08
N THR A 3 -2.47 -4.12 1.46
CA THR A 3 -3.81 -4.41 0.95
C THR A 3 -3.90 -4.04 -0.51
N ALA A 4 -3.89 -2.73 -0.75
CA ALA A 4 -3.98 -2.19 -2.09
C ALA A 4 -3.62 -0.71 -2.07
N LEU A 5 -4.33 0.03 -1.23
CA LEU A 5 -4.10 1.47 -1.11
C LEU A 5 -2.65 1.83 -1.40
N CYS A 6 -2.42 2.48 -2.55
CA CYS A 6 -1.05 2.88 -2.89
C CYS A 6 -0.63 4.00 -1.95
N SER A 7 -0.99 3.86 -0.68
CA SER A 7 -0.67 4.89 0.32
C SER A 7 0.73 4.71 0.89
N ARG A 8 1.09 5.62 1.80
CA ARG A 8 2.40 5.59 2.42
C ARG A 8 2.31 4.94 3.80
N TYR A 9 1.16 4.33 4.10
CA TYR A 9 0.95 3.68 5.38
C TYR A 9 0.70 2.19 5.20
N HIS A 10 0.35 1.79 3.98
CA HIS A 10 0.07 0.39 3.70
C HIS A 10 1.22 -0.22 2.90
N CYS A 11 2.23 -0.74 3.62
CA CYS A 11 3.38 -1.37 2.98
C CYS A 11 4.21 -0.34 2.20
N LEU A 12 3.52 0.43 1.35
CA LEU A 12 4.15 1.46 0.51
C LEU A 12 3.76 1.29 -0.96
N PRO A 13 3.72 0.08 -1.46
CA PRO A 13 3.34 -0.19 -2.88
C PRO A 13 1.83 -0.15 -3.07
N CYS A 14 1.35 -0.87 -4.09
CA CYS A 14 -0.08 -0.92 -4.36
C CYS A 14 -0.46 -2.25 -5.00
N CYS A 15 -1.39 -2.97 -4.36
CA CYS A 15 -1.81 -4.27 -4.89
C CYS A 15 -2.85 -4.08 -6.00
N CYS A 1 1.80 -4.85 -1.70
CA CYS A 1 1.25 -3.95 -0.65
C CYS A 1 0.39 -4.76 0.31
N CYS A 2 0.13 -4.21 1.49
CA CYS A 2 -0.69 -4.92 2.47
C CYS A 2 -2.00 -5.37 1.82
N THR A 3 -2.60 -4.47 1.06
CA THR A 3 -3.86 -4.77 0.38
C THR A 3 -3.90 -4.11 -1.00
N ALA A 4 -3.80 -2.79 -1.00
CA ALA A 4 -3.83 -2.03 -2.23
C ALA A 4 -3.62 -0.57 -1.92
N LEU A 5 -4.27 -0.11 -0.86
CA LEU A 5 -4.15 1.28 -0.44
C LEU A 5 -2.77 1.81 -0.83
N CYS A 6 -2.68 2.34 -2.05
CA CYS A 6 -1.42 2.86 -2.55
C CYS A 6 -1.05 4.12 -1.77
N SER A 7 -1.28 4.06 -0.46
CA SER A 7 -0.99 5.18 0.41
C SER A 7 0.42 5.05 0.98
N ARG A 8 0.90 6.11 1.61
CA ARG A 8 2.23 6.10 2.20
C ARG A 8 2.17 5.58 3.63
N TYR A 9 1.36 4.55 3.85
CA TYR A 9 1.21 3.98 5.19
C TYR A 9 0.95 2.47 5.12
N HIS A 10 0.35 2.00 4.03
CA HIS A 10 0.08 0.58 3.88
C HIS A 10 1.18 -0.09 3.06
N CYS A 11 2.25 -0.47 3.73
CA CYS A 11 3.37 -1.12 3.05
C CYS A 11 4.03 -0.17 2.05
N LEU A 12 3.28 0.21 1.01
CA LEU A 12 3.77 1.15 -0.02
C LEU A 12 3.71 0.55 -1.43
N PRO A 13 4.09 -0.70 -1.61
CA PRO A 13 4.08 -1.36 -2.95
C PRO A 13 2.83 -1.02 -3.78
N CYS A 14 1.73 -0.72 -3.10
CA CYS A 14 0.48 -0.39 -3.80
C CYS A 14 0.05 -1.55 -4.70
N CYS A 15 -0.99 -2.28 -4.30
CA CYS A 15 -1.46 -3.40 -5.12
C CYS A 15 -2.45 -2.92 -6.17
N CYS A 1 3.00 -5.37 -0.66
CA CYS A 1 2.37 -4.19 -0.01
C CYS A 1 1.55 -4.66 1.19
N CYS A 2 0.47 -3.96 1.50
CA CYS A 2 -0.35 -4.32 2.63
C CYS A 2 -1.71 -4.84 2.18
N THR A 3 -2.37 -4.10 1.31
CA THR A 3 -3.70 -4.50 0.84
C THR A 3 -3.96 -4.03 -0.59
N ALA A 4 -4.47 -2.81 -0.69
CA ALA A 4 -4.80 -2.23 -1.98
C ALA A 4 -4.46 -0.74 -1.98
N LEU A 5 -4.72 -0.10 -0.84
CA LEU A 5 -4.44 1.33 -0.71
C LEU A 5 -3.01 1.62 -1.12
N CYS A 6 -2.83 2.08 -2.36
CA CYS A 6 -1.50 2.42 -2.86
C CYS A 6 -0.97 3.62 -2.10
N SER A 7 -1.02 3.54 -0.78
CA SER A 7 -0.56 4.63 0.07
C SER A 7 0.90 4.45 0.48
N ARG A 8 1.33 5.30 1.40
CA ARG A 8 2.69 5.24 1.91
C ARG A 8 2.68 4.61 3.30
N TYR A 9 1.49 4.16 3.72
CA TYR A 9 1.34 3.51 5.01
C TYR A 9 1.05 2.04 4.81
N HIS A 10 0.10 1.75 3.92
CA HIS A 10 -0.22 0.38 3.60
C HIS A 10 1.02 -0.27 3.01
N CYS A 11 1.98 -0.59 3.89
CA CYS A 11 3.25 -1.17 3.49
C CYS A 11 4.06 -0.12 2.71
N LEU A 12 3.55 0.29 1.57
CA LEU A 12 4.20 1.31 0.74
C LEU A 12 3.86 1.12 -0.74
N PRO A 13 4.12 -0.03 -1.31
CA PRO A 13 3.82 -0.26 -2.75
C PRO A 13 2.43 0.20 -3.11
N CYS A 14 2.04 -0.09 -4.36
CA CYS A 14 0.71 0.30 -4.84
C CYS A 14 -0.33 -0.74 -4.45
N CYS A 15 -0.54 -0.90 -3.15
CA CYS A 15 -1.52 -1.85 -2.65
C CYS A 15 -1.63 -1.75 -1.13
N CYS A 1 2.06 -1.27 -0.48
CA CYS A 1 0.64 -1.67 -0.37
C CYS A 1 0.55 -3.09 0.16
N CYS A 2 -0.23 -3.26 1.22
CA CYS A 2 -0.40 -4.56 1.83
C CYS A 2 -1.81 -5.08 1.58
N THR A 3 -2.70 -4.15 1.21
CA THR A 3 -4.09 -4.51 0.94
C THR A 3 -4.48 -4.03 -0.46
N ALA A 4 -4.80 -2.76 -0.54
CA ALA A 4 -5.18 -2.13 -1.80
C ALA A 4 -4.58 -0.74 -1.85
N LEU A 5 -4.77 0.00 -0.74
CA LEU A 5 -4.25 1.36 -0.64
C LEU A 5 -2.80 1.43 -1.10
N CYS A 6 -2.56 2.21 -2.15
CA CYS A 6 -1.20 2.37 -2.66
C CYS A 6 -0.54 3.54 -1.95
N SER A 7 -1.03 3.86 -0.75
CA SER A 7 -0.49 4.97 0.02
C SER A 7 0.64 4.50 0.94
N ARG A 8 1.45 5.46 1.39
CA ARG A 8 2.56 5.15 2.27
C ARG A 8 2.04 4.68 3.62
N TYR A 9 0.74 4.35 3.66
CA TYR A 9 0.12 3.87 4.89
C TYR A 9 0.21 2.36 4.98
N HIS A 10 0.43 1.70 3.84
CA HIS A 10 0.51 0.24 3.84
C HIS A 10 1.77 -0.26 3.12
N CYS A 11 2.80 -0.55 3.91
CA CYS A 11 4.08 -1.06 3.40
C CYS A 11 4.72 -0.10 2.37
N LEU A 12 3.89 0.57 1.57
CA LEU A 12 4.36 1.55 0.57
C LEU A 12 4.00 1.16 -0.88
N PRO A 13 4.21 -0.09 -1.28
CA PRO A 13 3.90 -0.53 -2.67
C PRO A 13 2.51 -0.07 -3.12
N CYS A 14 2.04 -0.62 -4.25
CA CYS A 14 0.73 -0.27 -4.79
C CYS A 14 -0.10 -1.52 -5.05
N CYS A 15 -1.25 -1.64 -4.38
CA CYS A 15 -2.10 -2.81 -4.57
C CYS A 15 -3.41 -2.41 -5.26
N CYS A 1 2.08 -3.43 -0.99
CA CYS A 1 0.71 -2.96 -0.63
C CYS A 1 0.05 -4.00 0.28
N CYS A 2 0.00 -3.68 1.57
CA CYS A 2 -0.61 -4.58 2.54
C CYS A 2 -1.94 -5.11 2.02
N THR A 3 -2.59 -4.31 1.19
CA THR A 3 -3.89 -4.68 0.62
C THR A 3 -4.03 -4.15 -0.80
N ALA A 4 -4.07 -2.83 -0.90
CA ALA A 4 -4.22 -2.16 -2.18
C ALA A 4 -3.91 -0.69 -2.01
N LEU A 5 -4.43 -0.12 -0.92
CA LEU A 5 -4.23 1.28 -0.60
C LEU A 5 -2.79 1.68 -0.91
N CYS A 6 -2.57 2.14 -2.14
CA CYS A 6 -1.23 2.55 -2.55
C CYS A 6 -0.83 3.84 -1.83
N SER A 7 -1.07 3.87 -0.53
CA SER A 7 -0.73 5.05 0.26
C SER A 7 0.69 4.95 0.79
N ARG A 8 1.05 5.84 1.70
CA ARG A 8 2.39 5.85 2.27
C ARG A 8 2.38 5.21 3.65
N TYR A 9 1.35 4.41 3.94
CA TYR A 9 1.25 3.75 5.23
C TYR A 9 0.98 2.26 5.07
N HIS A 10 0.32 1.88 3.97
CA HIS A 10 0.02 0.48 3.74
C HIS A 10 1.17 -0.18 2.98
N CYS A 11 2.18 -0.64 3.73
CA CYS A 11 3.35 -1.28 3.13
C CYS A 11 4.14 -0.28 2.30
N LEU A 12 3.46 0.36 1.34
CA LEU A 12 4.07 1.38 0.48
C LEU A 12 3.84 1.07 -1.01
N PRO A 13 4.02 -0.16 -1.44
CA PRO A 13 3.82 -0.52 -2.88
C PRO A 13 2.46 -0.05 -3.42
N CYS A 14 1.73 -0.96 -4.06
CA CYS A 14 0.44 -0.61 -4.63
C CYS A 14 -0.26 -1.84 -5.22
N CYS A 15 -1.25 -2.39 -4.50
CA CYS A 15 -1.98 -3.56 -5.00
C CYS A 15 -3.42 -3.20 -5.33
N CYS A 1 2.29 -5.01 -1.48
CA CYS A 1 1.70 -3.92 -0.67
C CYS A 1 0.90 -4.52 0.47
N CYS A 2 0.39 -3.68 1.36
CA CYS A 2 -0.39 -4.16 2.50
C CYS A 2 -1.70 -4.79 2.04
N THR A 3 -2.43 -4.05 1.21
CA THR A 3 -3.71 -4.54 0.70
C THR A 3 -3.96 -4.01 -0.71
N ALA A 4 -4.29 -2.72 -0.78
CA ALA A 4 -4.57 -2.07 -2.04
C ALA A 4 -4.31 -0.58 -1.90
N LEU A 5 -4.79 -0.03 -0.79
CA LEU A 5 -4.61 1.38 -0.50
C LEU A 5 -3.22 1.85 -0.88
N CYS A 6 -3.04 2.26 -2.14
CA CYS A 6 -1.75 2.73 -2.61
C CYS A 6 -1.42 4.06 -1.94
N SER A 7 -1.41 4.04 -0.62
CA SER A 7 -1.13 5.26 0.16
C SER A 7 0.36 5.38 0.46
N ARG A 8 0.68 5.70 1.71
CA ARG A 8 2.06 5.82 2.14
C ARG A 8 2.27 5.01 3.42
N TYR A 9 1.26 4.20 3.74
CA TYR A 9 1.31 3.35 4.92
C TYR A 9 1.06 1.89 4.55
N HIS A 10 0.29 1.69 3.48
CA HIS A 10 -0.01 0.35 3.00
C HIS A 10 1.26 -0.37 2.59
N CYS A 11 2.15 -0.61 3.53
CA CYS A 11 3.41 -1.29 3.22
C CYS A 11 4.27 -0.43 2.29
N LEU A 12 3.62 0.20 1.31
CA LEU A 12 4.28 1.10 0.34
C LEU A 12 4.23 0.57 -1.09
N PRO A 13 4.48 -0.70 -1.32
CA PRO A 13 4.45 -1.29 -2.70
C PRO A 13 3.23 -0.84 -3.51
N CYS A 14 2.15 -0.48 -2.83
CA CYS A 14 0.92 -0.04 -3.49
C CYS A 14 0.29 -1.16 -4.31
N CYS A 15 -0.94 -1.53 -3.94
CA CYS A 15 -1.65 -2.59 -4.64
C CYS A 15 -3.00 -2.10 -5.14
N CYS A 1 2.33 -4.58 -1.52
CA CYS A 1 1.26 -3.72 -0.93
C CYS A 1 0.32 -4.58 -0.09
N CYS A 2 0.20 -4.24 1.18
CA CYS A 2 -0.66 -4.98 2.09
C CYS A 2 -1.98 -5.35 1.41
N THR A 3 -2.91 -4.40 1.42
CA THR A 3 -4.21 -4.62 0.80
C THR A 3 -4.23 -4.11 -0.63
N ALA A 4 -4.06 -2.81 -0.77
CA ALA A 4 -4.06 -2.17 -2.08
C ALA A 4 -3.72 -0.70 -1.93
N LEU A 5 -4.28 -0.08 -0.89
CA LEU A 5 -4.03 1.33 -0.66
C LEU A 5 -2.56 1.66 -0.91
N CYS A 6 -2.26 2.05 -2.15
CA CYS A 6 -0.90 2.41 -2.52
C CYS A 6 -0.52 3.70 -1.83
N SER A 7 -0.83 3.78 -0.55
CA SER A 7 -0.55 4.98 0.24
C SER A 7 0.84 4.91 0.87
N ARG A 8 1.12 5.86 1.74
CA ARG A 8 2.41 5.90 2.43
C ARG A 8 2.28 5.35 3.84
N TYR A 9 1.23 4.56 4.08
CA TYR A 9 1.03 3.98 5.40
C TYR A 9 0.85 2.46 5.30
N HIS A 10 0.27 2.00 4.20
CA HIS A 10 0.07 0.56 4.02
C HIS A 10 1.17 -0.02 3.15
N CYS A 11 2.25 -0.47 3.80
CA CYS A 11 3.38 -1.05 3.09
C CYS A 11 4.06 -0.01 2.20
N LEU A 12 3.31 0.52 1.23
CA LEU A 12 3.80 1.55 0.30
C LEU A 12 3.57 1.15 -1.17
N PRO A 13 3.91 -0.07 -1.56
CA PRO A 13 3.72 -0.55 -2.97
C PRO A 13 2.40 -0.10 -3.59
N CYS A 14 1.62 -1.08 -4.10
CA CYS A 14 0.34 -0.77 -4.74
C CYS A 14 -0.37 -2.05 -5.22
N CYS A 15 -1.31 -2.55 -4.42
CA CYS A 15 -2.04 -3.77 -4.79
C CYS A 15 -3.51 -3.45 -5.03
N CYS A 1 1.57 -4.79 -1.93
CA CYS A 1 1.50 -3.92 -0.72
C CYS A 1 0.86 -4.68 0.43
N CYS A 2 0.27 -3.96 1.37
CA CYS A 2 -0.37 -4.60 2.52
C CYS A 2 -1.80 -5.02 2.18
N THR A 3 -2.51 -4.17 1.44
CA THR A 3 -3.89 -4.46 1.08
C THR A 3 -4.20 -4.00 -0.34
N ALA A 4 -4.60 -2.75 -0.45
CA ALA A 4 -4.94 -2.13 -1.73
C ALA A 4 -4.39 -0.72 -1.79
N LEU A 5 -4.63 0.01 -0.71
CA LEU A 5 -4.16 1.39 -0.61
C LEU A 5 -2.69 1.50 -1.01
N CYS A 6 -2.44 2.15 -2.14
CA CYS A 6 -1.08 2.32 -2.63
C CYS A 6 -0.44 3.55 -1.99
N SER A 7 -0.87 3.85 -0.77
CA SER A 7 -0.34 5.00 -0.04
C SER A 7 0.87 4.61 0.79
N ARG A 8 1.44 5.60 1.49
CA ARG A 8 2.60 5.35 2.34
C ARG A 8 2.16 4.77 3.68
N TYR A 9 0.92 4.29 3.74
CA TYR A 9 0.39 3.73 4.97
C TYR A 9 0.30 2.20 4.87
N HIS A 10 0.09 1.69 3.66
CA HIS A 10 -0.02 0.26 3.46
C HIS A 10 1.21 -0.29 2.73
N CYS A 11 2.13 -0.87 3.50
CA CYS A 11 3.35 -1.45 2.94
C CYS A 11 4.22 -0.38 2.28
N LEU A 12 3.62 0.42 1.40
CA LEU A 12 4.32 1.50 0.70
C LEU A 12 4.08 1.41 -0.81
N PRO A 13 4.09 0.23 -1.39
CA PRO A 13 3.87 0.06 -2.85
C PRO A 13 2.40 0.22 -3.22
N CYS A 14 2.02 -0.36 -4.35
CA CYS A 14 0.64 -0.28 -4.81
C CYS A 14 0.05 -1.68 -4.94
N CYS A 15 -1.19 -1.84 -4.50
CA CYS A 15 -1.84 -3.14 -4.57
C CYS A 15 -3.15 -3.04 -5.34
#